data_5TQS
#
_entry.id   5TQS
#
_cell.length_a   65.320
_cell.length_b   30.620
_cell.length_c   104.570
_cell.angle_alpha   90.000
_cell.angle_beta   100.120
_cell.angle_gamma   90.000
#
_symmetry.space_group_name_H-M   'P 1 21 1'
#
loop_
_entity.id
_entity.type
_entity.pdbx_description
1 polymer '1-phosphatidylinositol 4,5-bisphosphate phosphodiesterase gamma-1'
2 polymer 'Receptor protein-tyrosine kinase'
3 water water
#
loop_
_entity_poly.entity_id
_entity_poly.type
_entity_poly.pdbx_seq_one_letter_code
_entity_poly.pdbx_strand_id
1 'polypeptide(L)'
;GSHMHESKEWYHASLTRAQAEHMLMRVPRDGAFLVRKRNEPNSYAISFRAEGKIKHCRVQQEGQTVMLGNSEFDSLVDLI
SYYEKHPLYRKMKLRYPINEE
;
A,B,C,D
2 'polypeptide(L)' DNLY(PTR)WDQDPP E,F,H,G
#
# COMPACT_ATOMS: atom_id res chain seq x y z
N GLY A 1 12.97 10.64 0.14
CA GLY A 1 11.58 10.91 -0.21
C GLY A 1 10.78 11.49 0.94
N SER A 2 9.45 11.35 0.87
CA SER A 2 8.59 11.86 1.93
C SER A 2 8.95 11.22 3.26
N HIS A 3 8.81 12.00 4.33
CA HIS A 3 9.06 11.54 5.69
C HIS A 3 7.78 11.47 6.52
N MET A 4 6.62 11.55 5.89
CA MET A 4 5.40 11.66 6.68
C MET A 4 5.07 10.38 7.43
N HIS A 5 5.70 9.25 7.08
CA HIS A 5 5.48 7.99 7.81
C HIS A 5 6.12 8.01 9.19
N GLU A 6 6.99 8.98 9.48
CA GLU A 6 7.76 8.93 10.71
C GLU A 6 6.89 9.04 11.95
N SER A 7 5.74 9.70 11.86
CA SER A 7 4.86 9.83 13.01
C SER A 7 3.70 8.84 13.00
N LYS A 8 3.65 7.94 12.03
CA LYS A 8 2.55 6.99 11.94
C LYS A 8 2.73 5.87 12.94
N GLU A 9 1.60 5.47 13.55
CA GLU A 9 1.63 4.40 14.56
C GLU A 9 2.20 3.11 14.01
N TRP A 10 1.96 2.82 12.72
CA TRP A 10 2.43 1.57 12.14
C TRP A 10 3.91 1.58 11.80
N TYR A 11 4.59 2.73 11.84
CA TYR A 11 5.97 2.80 11.40
C TYR A 11 6.93 2.65 12.57
N HIS A 12 7.93 1.78 12.41
CA HIS A 12 8.93 1.51 13.44
C HIS A 12 10.32 1.63 12.81
N ALA A 13 11.03 2.70 13.17
CA ALA A 13 12.35 2.97 12.62
C ALA A 13 13.42 1.99 13.11
N SER A 14 13.16 1.24 14.18
CA SER A 14 14.18 0.39 14.79
C SER A 14 13.48 -0.81 15.40
N LEU A 15 13.27 -1.82 14.56
CA LEU A 15 12.50 -2.99 14.96
C LEU A 15 13.01 -4.11 14.09
N THR A 16 13.45 -5.19 14.73
CA THR A 16 13.98 -6.31 13.98
C THR A 16 12.84 -7.18 13.45
N ARG A 17 13.19 -8.01 12.48
CA ARG A 17 12.24 -9.03 12.02
C ARG A 17 11.68 -9.83 13.20
N ALA A 18 12.55 -10.27 14.11
CA ALA A 18 12.09 -11.05 15.25
C ALA A 18 11.16 -10.24 16.16
N GLN A 19 11.55 -9.02 16.50
CA GLN A 19 10.68 -8.19 17.32
C GLN A 19 9.32 -8.00 16.66
N ALA A 20 9.32 -7.74 15.35
CA ALA A 20 8.08 -7.57 14.61
C ALA A 20 7.21 -8.81 14.68
N GLU A 21 7.82 -9.99 14.51
CA GLU A 21 7.05 -11.23 14.58
C GLU A 21 6.43 -11.42 15.96
N HIS A 22 7.15 -11.12 17.02
CA HIS A 22 6.58 -11.35 18.34
C HIS A 22 5.43 -10.37 18.61
N MET A 23 5.55 -9.15 18.11
CA MET A 23 4.44 -8.19 18.24
C MET A 23 3.21 -8.67 17.51
N LEU A 24 3.37 -9.13 16.25
CA LEU A 24 2.20 -9.51 15.47
C LEU A 24 1.50 -10.74 16.02
N MET A 25 2.22 -11.62 16.70
CA MET A 25 1.59 -12.86 17.13
C MET A 25 0.59 -12.62 18.26
N ARG A 26 0.76 -11.54 19.02
CA ARG A 26 -0.19 -11.17 20.05
C ARG A 26 -1.53 -10.69 19.50
N VAL A 27 -1.67 -10.52 18.19
CA VAL A 27 -2.90 -9.94 17.64
C VAL A 27 -3.56 -10.95 16.71
N PRO A 28 -4.49 -11.77 17.21
CA PRO A 28 -5.07 -12.82 16.37
C PRO A 28 -6.05 -12.31 15.33
N ARG A 29 -5.58 -11.42 14.46
CA ARG A 29 -6.42 -10.95 13.37
C ARG A 29 -5.59 -10.90 12.11
N ASP A 30 -6.11 -11.47 11.02
CA ASP A 30 -5.51 -11.22 9.73
C ASP A 30 -5.60 -9.73 9.42
N GLY A 31 -4.54 -9.19 8.83
CA GLY A 31 -4.52 -7.77 8.55
C GLY A 31 -3.79 -6.95 9.58
N ALA A 32 -3.41 -7.55 10.72
CA ALA A 32 -2.46 -6.92 11.62
C ALA A 32 -1.14 -6.68 10.91
N PHE A 33 -0.58 -5.47 11.05
CA PHE A 33 0.62 -5.16 10.31
C PHE A 33 1.42 -4.07 10.99
N LEU A 34 2.69 -4.00 10.60
CA LEU A 34 3.53 -2.84 10.89
C LEU A 34 4.52 -2.68 9.76
N VAL A 35 5.20 -1.54 9.75
CA VAL A 35 6.28 -1.27 8.80
C VAL A 35 7.52 -0.98 9.60
N ARG A 36 8.63 -1.57 9.22
CA ARG A 36 9.88 -1.40 9.92
C ARG A 36 10.97 -1.06 8.92
N LYS A 37 11.89 -0.19 9.34
CA LYS A 37 13.06 0.08 8.52
C LYS A 37 14.00 -1.12 8.57
N ARG A 38 14.51 -1.54 7.42
CA ARG A 38 15.41 -2.69 7.35
C ARG A 38 16.85 -2.24 7.50
N ASN A 39 17.72 -3.18 7.88
CA ASN A 39 19.14 -2.87 7.96
C ASN A 39 19.69 -2.51 6.59
N GLU A 40 19.19 -3.14 5.55
CA GLU A 40 19.54 -2.78 4.20
C GLU A 40 19.22 -1.31 3.95
N PRO A 41 20.07 -0.58 3.21
CA PRO A 41 19.81 0.84 2.97
C PRO A 41 18.59 1.06 2.09
N ASN A 42 17.87 2.16 2.36
CA ASN A 42 16.76 2.57 1.52
C ASN A 42 15.71 1.48 1.38
N SER A 43 15.51 0.69 2.42
CA SER A 43 14.59 -0.43 2.36
C SER A 43 13.76 -0.50 3.63
N TYR A 44 12.50 -0.87 3.45
CA TYR A 44 11.56 -1.12 4.54
C TYR A 44 11.02 -2.53 4.38
N ALA A 45 10.40 -3.04 5.43
CA ALA A 45 9.58 -4.25 5.34
C ALA A 45 8.20 -3.97 5.92
N ILE A 46 7.18 -4.47 5.24
CA ILE A 46 5.85 -4.62 5.83
C ILE A 46 5.79 -6.02 6.41
N SER A 47 5.61 -6.10 7.71
CA SER A 47 5.35 -7.37 8.38
C SER A 47 3.87 -7.45 8.70
N PHE A 48 3.23 -8.55 8.30
CA PHE A 48 1.79 -8.64 8.44
C PHE A 48 1.38 -10.07 8.76
N ARG A 49 0.17 -10.18 9.28
CA ARG A 49 -0.42 -11.47 9.66
C ARG A 49 -1.51 -11.84 8.68
N ALA A 50 -1.38 -13.02 8.09
CA ALA A 50 -2.39 -13.52 7.16
C ALA A 50 -2.48 -15.04 7.26
N GLU A 51 -3.70 -15.56 7.37
CA GLU A 51 -3.92 -17.01 7.46
C GLU A 51 -3.17 -17.60 8.66
N GLY A 52 -3.15 -16.87 9.77
CA GLY A 52 -2.48 -17.32 10.97
C GLY A 52 -0.97 -17.31 10.91
N LYS A 53 -0.36 -16.78 9.85
CA LYS A 53 1.08 -16.77 9.68
C LYS A 53 1.59 -15.33 9.54
N ILE A 54 2.86 -15.13 9.86
CA ILE A 54 3.52 -13.83 9.71
C ILE A 54 4.33 -13.84 8.42
N LYS A 55 4.13 -12.82 7.59
CA LYS A 55 4.86 -12.67 6.34
C LYS A 55 5.51 -11.31 6.33
N HIS A 56 6.58 -11.21 5.54
CA HIS A 56 7.36 -9.97 5.41
C HIS A 56 7.54 -9.65 3.94
N CYS A 57 7.23 -8.39 3.58
CA CYS A 57 7.31 -7.86 2.23
C CYS A 57 8.33 -6.71 2.19
N ARG A 58 9.27 -6.77 1.24
CA ARG A 58 10.24 -5.70 1.05
C ARG A 58 9.64 -4.50 0.31
N VAL A 59 10.07 -3.31 0.70
CA VAL A 59 9.68 -2.07 0.05
C VAL A 59 10.95 -1.27 -0.18
N GLN A 60 11.21 -0.89 -1.43
CA GLN A 60 12.44 -0.16 -1.77
C GLN A 60 12.14 1.32 -1.90
N GLN A 61 12.98 2.13 -1.26
CA GLN A 61 12.88 3.61 -1.30
C GLN A 61 13.89 4.08 -2.34
N GLU A 62 13.41 4.56 -3.49
CA GLU A 62 14.28 4.86 -4.61
C GLU A 62 13.91 6.22 -5.20
N GLY A 63 14.76 7.22 -4.93
CA GLY A 63 14.55 8.56 -5.44
C GLY A 63 13.41 9.27 -4.75
N GLN A 64 12.39 9.66 -5.52
CA GLN A 64 11.21 10.31 -4.96
C GLN A 64 10.02 9.36 -4.87
N THR A 65 10.26 8.05 -4.97
CA THR A 65 9.19 7.08 -4.94
C THR A 65 9.62 5.86 -4.12
N VAL A 66 8.62 5.04 -3.78
CA VAL A 66 8.83 3.75 -3.14
C VAL A 66 8.22 2.68 -4.03
N MET A 67 8.81 1.49 -3.98
CA MET A 67 8.44 0.38 -4.85
C MET A 67 8.17 -0.87 -4.02
N LEU A 68 7.02 -1.51 -4.26
CA LEU A 68 6.74 -2.83 -3.73
C LEU A 68 6.43 -3.71 -4.93
N GLY A 69 7.31 -4.66 -5.20
CA GLY A 69 7.17 -5.45 -6.42
C GLY A 69 7.27 -4.54 -7.61
N ASN A 70 6.21 -4.47 -8.41
CA ASN A 70 6.13 -3.57 -9.55
C ASN A 70 5.17 -2.40 -9.31
N SER A 71 4.61 -2.29 -8.11
CA SER A 71 3.73 -1.19 -7.76
C SER A 71 4.57 -0.05 -7.19
N GLU A 72 4.30 1.17 -7.63
CA GLU A 72 5.13 2.32 -7.32
C GLU A 72 4.24 3.39 -6.73
N PHE A 73 4.74 4.07 -5.70
CA PHE A 73 3.99 5.11 -5.02
C PHE A 73 4.90 6.30 -4.75
N ASP A 74 4.26 7.45 -4.55
CA ASP A 74 5.00 8.68 -4.24
C ASP A 74 5.72 8.59 -2.90
N SER A 75 5.20 7.80 -1.97
CA SER A 75 5.73 7.78 -0.61
C SER A 75 5.27 6.52 0.11
N LEU A 76 5.94 6.24 1.22
CA LEU A 76 5.53 5.12 2.06
C LEU A 76 4.11 5.31 2.58
N VAL A 77 3.74 6.52 3.02
CA VAL A 77 2.38 6.72 3.52
C VAL A 77 1.35 6.45 2.42
N ASP A 78 1.65 6.85 1.18
CA ASP A 78 0.72 6.61 0.06
C ASP A 78 0.61 5.11 -0.20
N LEU A 79 1.73 4.39 -0.11
CA LEU A 79 1.70 2.95 -0.29
C LEU A 79 0.83 2.27 0.76
N ILE A 80 1.01 2.63 2.03
CA ILE A 80 0.21 2.01 3.09
C ILE A 80 -1.25 2.41 2.95
N SER A 81 -1.51 3.68 2.66
CA SER A 81 -2.89 4.11 2.47
C SER A 81 -3.55 3.31 1.34
N TYR A 82 -2.79 2.99 0.30
CA TYR A 82 -3.35 2.21 -0.80
C TYR A 82 -3.72 0.80 -0.33
N TYR A 83 -2.82 0.13 0.39
CA TYR A 83 -3.06 -1.25 0.75
C TYR A 83 -3.93 -1.39 2.00
N GLU A 84 -4.32 -0.29 2.64
CA GLU A 84 -5.44 -0.27 3.57
C GLU A 84 -6.79 -0.31 2.87
N LYS A 85 -6.84 0.01 1.56
CA LYS A 85 -8.08 0.02 0.81
C LYS A 85 -8.12 -1.03 -0.30
N HIS A 86 -6.98 -1.64 -0.62
CA HIS A 86 -6.82 -2.64 -1.66
C HIS A 86 -6.00 -3.78 -1.08
N PRO A 87 -6.36 -5.02 -1.39
CA PRO A 87 -5.65 -6.14 -0.77
C PRO A 87 -4.18 -6.17 -1.18
N LEU A 88 -3.35 -6.51 -0.21
CA LEU A 88 -1.93 -6.73 -0.44
C LEU A 88 -1.61 -8.20 -0.65
N TYR A 89 -2.20 -9.07 0.17
CA TYR A 89 -1.93 -10.50 0.16
C TYR A 89 -3.28 -11.20 -0.01
N ARG A 90 -3.46 -11.91 -1.13
CA ARG A 90 -4.77 -12.48 -1.45
C ARG A 90 -5.87 -11.45 -1.22
N LYS A 91 -6.80 -11.70 -0.29
CA LYS A 91 -7.87 -10.76 -0.01
C LYS A 91 -7.58 -9.88 1.22
N MET A 92 -6.41 -10.02 1.83
CA MET A 92 -6.09 -9.28 3.04
C MET A 92 -5.63 -7.87 2.70
N LYS A 93 -6.36 -6.87 3.20
CA LYS A 93 -5.88 -5.50 3.28
C LYS A 93 -5.09 -5.30 4.57
N LEU A 94 -4.25 -4.28 4.58
CA LEU A 94 -3.64 -3.85 5.82
C LEU A 94 -4.72 -3.22 6.67
N ARG A 95 -5.00 -3.84 7.79
CA ARG A 95 -6.22 -3.49 8.51
C ARG A 95 -5.97 -2.99 9.92
N TYR A 96 -5.09 -3.64 10.67
CA TYR A 96 -4.86 -3.35 12.08
C TYR A 96 -3.42 -2.94 12.31
N PRO A 97 -3.11 -1.64 12.29
CA PRO A 97 -1.76 -1.21 12.55
C PRO A 97 -1.37 -1.50 13.97
N ILE A 98 -0.15 -1.96 14.15
CA ILE A 98 0.38 -2.36 15.45
C ILE A 98 1.39 -1.32 15.89
N ASN A 99 1.12 -0.70 17.03
CA ASN A 99 1.98 0.28 17.67
C ASN A 99 2.42 -0.29 19.02
N GLU A 100 3.39 -1.18 18.98
CA GLU A 100 4.02 -1.82 20.13
C GLU A 100 3.17 -2.95 20.70
N GLU A 101 1.90 -3.07 20.33
CA GLU A 101 1.06 -4.17 20.78
C GLU A 101 1.68 -5.51 20.33
N GLY B 1 16.12 -2.26 -17.71
CA GLY B 1 17.46 -2.07 -17.18
C GLY B 1 18.52 -2.70 -18.08
N SER B 2 19.70 -2.09 -18.11
CA SER B 2 20.74 -2.59 -19.00
C SER B 2 21.27 -3.92 -18.50
N HIS B 3 21.37 -4.90 -19.41
CA HIS B 3 21.95 -6.20 -19.10
C HIS B 3 23.34 -6.37 -19.72
N MET B 4 23.94 -5.31 -20.27
CA MET B 4 25.21 -5.46 -20.99
C MET B 4 26.32 -5.98 -20.10
N HIS B 5 26.17 -5.91 -18.78
CA HIS B 5 27.19 -6.40 -17.87
C HIS B 5 27.26 -7.92 -17.86
N GLU B 6 26.22 -8.58 -18.34
CA GLU B 6 26.14 -10.02 -18.21
C GLU B 6 27.23 -10.76 -18.99
N SER B 7 27.79 -10.16 -20.04
CA SER B 7 28.91 -10.79 -20.74
C SER B 7 30.27 -10.27 -20.28
N LYS B 8 30.33 -9.41 -19.27
CA LYS B 8 31.61 -8.85 -18.86
C LYS B 8 32.35 -9.80 -17.94
N GLU B 9 33.67 -9.86 -18.12
CA GLU B 9 34.47 -10.79 -17.34
C GLU B 9 34.40 -10.51 -15.85
N TRP B 10 34.19 -9.26 -15.45
CA TRP B 10 34.17 -8.94 -14.02
C TRP B 10 32.85 -9.27 -13.35
N TYR B 11 31.85 -9.74 -14.09
CA TYR B 11 30.49 -9.86 -13.56
C TYR B 11 30.14 -11.31 -13.26
N HIS B 12 29.59 -11.54 -12.07
CA HIS B 12 29.31 -12.89 -11.57
C HIS B 12 27.89 -12.89 -11.02
N ALA B 13 26.96 -13.44 -11.80
CA ALA B 13 25.55 -13.44 -11.42
C ALA B 13 25.25 -14.37 -10.26
N SER B 14 26.15 -15.29 -9.94
CA SER B 14 25.90 -16.25 -8.86
C SER B 14 27.23 -16.47 -8.15
N LEU B 15 27.46 -15.68 -7.12
CA LEU B 15 28.73 -15.70 -6.41
C LEU B 15 28.43 -15.12 -5.03
N THR B 16 28.76 -15.87 -3.98
CA THR B 16 28.51 -15.40 -2.63
C THR B 16 29.59 -14.42 -2.21
N ARG B 17 29.27 -13.63 -1.18
CA ARG B 17 30.29 -12.80 -0.54
C ARG B 17 31.54 -13.60 -0.21
N ALA B 18 31.39 -14.76 0.41
CA ALA B 18 32.55 -15.58 0.77
C ALA B 18 33.30 -16.03 -0.47
N GLN B 19 32.57 -16.54 -1.47
CA GLN B 19 33.21 -16.95 -2.70
C GLN B 19 33.96 -15.79 -3.35
N ALA B 20 33.41 -14.59 -3.27
CA ALA B 20 34.09 -13.43 -3.84
C ALA B 20 35.38 -13.11 -3.09
N GLU B 21 35.33 -13.15 -1.76
CA GLU B 21 36.55 -12.90 -0.99
C GLU B 21 37.60 -13.95 -1.29
N HIS B 22 37.19 -15.19 -1.52
CA HIS B 22 38.13 -16.26 -1.83
C HIS B 22 38.82 -15.99 -3.17
N MET B 23 38.05 -15.57 -4.17
CA MET B 23 38.65 -15.26 -5.46
C MET B 23 39.60 -14.07 -5.35
N LEU B 24 39.22 -13.04 -4.58
CA LEU B 24 40.10 -11.88 -4.41
C LEU B 24 41.38 -12.25 -3.68
N MET B 25 41.34 -13.25 -2.80
CA MET B 25 42.58 -13.69 -2.15
C MET B 25 43.55 -14.32 -3.14
N ARG B 26 43.07 -14.88 -4.25
CA ARG B 26 43.95 -15.47 -5.24
C ARG B 26 44.70 -14.44 -6.09
N VAL B 27 44.32 -13.18 -6.04
CA VAL B 27 44.97 -12.15 -6.86
C VAL B 27 45.41 -11.03 -5.94
N PRO B 28 46.62 -11.13 -5.33
CA PRO B 28 47.06 -10.11 -4.35
C PRO B 28 47.56 -8.82 -5.00
N ARG B 29 46.63 -8.07 -5.58
CA ARG B 29 46.93 -6.77 -6.17
C ARG B 29 45.84 -5.80 -5.78
N ASP B 30 46.23 -4.60 -5.35
CA ASP B 30 45.23 -3.57 -5.12
C ASP B 30 44.57 -3.22 -6.46
N GLY B 31 43.27 -2.98 -6.43
CA GLY B 31 42.53 -2.75 -7.65
C GLY B 31 41.92 -3.99 -8.28
N ALA B 32 42.27 -5.19 -7.81
CA ALA B 32 41.50 -6.39 -8.14
C ALA B 32 40.04 -6.19 -7.74
N PHE B 33 39.12 -6.63 -8.60
CA PHE B 33 37.70 -6.43 -8.32
C PHE B 33 36.85 -7.41 -9.09
N LEU B 34 35.62 -7.57 -8.61
CA LEU B 34 34.55 -8.23 -9.33
C LEU B 34 33.25 -7.59 -8.91
N VAL B 35 32.22 -7.81 -9.72
CA VAL B 35 30.86 -7.39 -9.40
C VAL B 35 30.01 -8.63 -9.32
N ARG B 36 29.17 -8.70 -8.30
CA ARG B 36 28.34 -9.88 -8.06
C ARG B 36 26.90 -9.46 -7.76
N LYS B 37 25.97 -10.28 -8.22
CA LYS B 37 24.57 -10.07 -7.88
C LYS B 37 24.37 -10.42 -6.41
N ARG B 38 23.66 -9.58 -5.68
CA ARG B 38 23.38 -9.85 -4.28
C ARG B 38 22.05 -10.59 -4.14
N ASN B 39 21.86 -11.18 -2.95
CA ASN B 39 20.60 -11.84 -2.65
C ASN B 39 19.46 -10.84 -2.54
N GLU B 40 19.76 -9.59 -2.17
CA GLU B 40 18.73 -8.55 -2.23
C GLU B 40 18.30 -8.33 -3.68
N PRO B 41 17.02 -8.08 -3.92
CA PRO B 41 16.58 -7.74 -5.28
C PRO B 41 17.17 -6.43 -5.76
N ASN B 42 17.48 -6.38 -7.05
CA ASN B 42 17.92 -5.16 -7.72
C ASN B 42 19.18 -4.61 -7.07
N SER B 43 20.04 -5.50 -6.57
CA SER B 43 21.22 -5.07 -5.83
C SER B 43 22.43 -5.85 -6.30
N TYR B 44 23.56 -5.16 -6.38
CA TYR B 44 24.86 -5.75 -6.69
C TYR B 44 25.87 -5.35 -5.61
N ALA B 45 26.98 -6.07 -5.57
CA ALA B 45 28.13 -5.68 -4.78
C ALA B 45 29.36 -5.58 -5.68
N ILE B 46 30.14 -4.53 -5.52
CA ILE B 46 31.51 -4.52 -6.00
C ILE B 46 32.40 -5.02 -4.86
N SER B 47 33.11 -6.13 -5.11
CA SER B 47 34.07 -6.66 -4.16
C SER B 47 35.45 -6.36 -4.71
N PHE B 48 36.28 -5.70 -3.92
CA PHE B 48 37.55 -5.22 -4.44
C PHE B 48 38.61 -5.19 -3.36
N ARG B 49 39.86 -5.11 -3.82
CA ARG B 49 41.00 -5.03 -2.93
C ARG B 49 41.52 -3.61 -2.94
N ALA B 50 41.67 -3.02 -1.75
CA ALA B 50 42.23 -1.68 -1.61
C ALA B 50 43.13 -1.68 -0.39
N GLU B 51 44.35 -1.18 -0.58
CA GLU B 51 45.31 -1.03 0.51
C GLU B 51 45.43 -2.31 1.33
N GLY B 52 45.52 -3.43 0.61
CA GLY B 52 45.74 -4.73 1.22
C GLY B 52 44.54 -5.37 1.88
N LYS B 53 43.35 -4.78 1.75
CA LYS B 53 42.16 -5.29 2.41
C LYS B 53 41.04 -5.47 1.40
N ILE B 54 40.13 -6.38 1.72
CA ILE B 54 38.97 -6.63 0.88
C ILE B 54 37.79 -5.81 1.39
N LYS B 55 37.11 -5.15 0.46
CA LYS B 55 35.96 -4.32 0.77
C LYS B 55 34.83 -4.67 -0.18
N HIS B 56 33.60 -4.48 0.29
CA HIS B 56 32.40 -4.68 -0.50
C HIS B 56 31.59 -3.39 -0.50
N CYS B 57 31.06 -3.05 -1.68
CA CYS B 57 30.27 -1.84 -1.91
C CYS B 57 28.96 -2.19 -2.59
N ARG B 58 27.84 -1.74 -2.01
CA ARG B 58 26.52 -1.98 -2.58
C ARG B 58 26.25 -1.04 -3.75
N VAL B 59 25.62 -1.59 -4.79
CA VAL B 59 25.11 -0.86 -5.95
C VAL B 59 23.64 -1.20 -6.12
N GLN B 60 22.79 -0.18 -6.28
CA GLN B 60 21.35 -0.38 -6.42
C GLN B 60 20.94 -0.14 -7.87
N GLN B 61 20.21 -1.10 -8.44
CA GLN B 61 19.55 -0.94 -9.73
C GLN B 61 18.20 -0.27 -9.49
N GLU B 62 18.02 0.96 -9.97
CA GLU B 62 16.83 1.77 -9.71
C GLU B 62 16.20 2.20 -11.03
N GLY B 63 15.35 1.34 -11.59
CA GLY B 63 14.64 1.67 -12.81
C GLY B 63 15.50 1.52 -14.04
N GLN B 64 15.91 2.65 -14.63
CA GLN B 64 16.84 2.66 -15.74
C GLN B 64 18.20 3.21 -15.33
N THR B 65 18.46 3.31 -14.04
CA THR B 65 19.73 3.81 -13.55
C THR B 65 20.25 2.88 -12.44
N VAL B 66 21.53 3.04 -12.14
CA VAL B 66 22.17 2.36 -11.03
C VAL B 66 22.78 3.43 -10.14
N MET B 67 22.71 3.19 -8.83
CA MET B 67 23.14 4.13 -7.81
C MET B 67 24.27 3.50 -7.02
N LEU B 68 25.35 4.25 -6.82
CA LEU B 68 26.43 3.89 -5.92
C LEU B 68 26.56 5.07 -4.95
N GLY B 69 26.09 4.88 -3.73
CA GLY B 69 25.93 6.01 -2.82
C GLY B 69 24.96 7.01 -3.44
N ASN B 70 25.44 8.24 -3.64
CA ASN B 70 24.68 9.26 -4.34
C ASN B 70 25.16 9.47 -5.77
N SER B 71 26.06 8.62 -6.28
CA SER B 71 26.48 8.70 -7.67
C SER B 71 25.55 7.86 -8.51
N GLU B 72 25.12 8.39 -9.66
CA GLU B 72 24.12 7.75 -10.51
C GLU B 72 24.72 7.51 -11.88
N PHE B 73 24.45 6.34 -12.44
CA PHE B 73 24.95 5.94 -13.75
C PHE B 73 23.80 5.32 -14.53
N ASP B 74 23.94 5.32 -15.86
CA ASP B 74 22.91 4.74 -16.72
C ASP B 74 22.89 3.22 -16.67
N SER B 75 23.97 2.59 -16.22
CA SER B 75 24.12 1.14 -16.32
C SER B 75 25.29 0.70 -15.46
N LEU B 76 25.29 -0.58 -15.10
CA LEU B 76 26.41 -1.15 -14.38
C LEU B 76 27.70 -1.06 -15.19
N VAL B 77 27.63 -1.26 -16.50
CA VAL B 77 28.86 -1.15 -17.29
C VAL B 77 29.38 0.28 -17.30
N ASP B 78 28.48 1.27 -17.35
CA ASP B 78 28.94 2.67 -17.29
C ASP B 78 29.56 2.97 -15.93
N LEU B 79 28.97 2.42 -14.86
CA LEU B 79 29.54 2.59 -13.52
C LEU B 79 30.94 2.02 -13.44
N ILE B 80 31.13 0.79 -13.93
CA ILE B 80 32.45 0.19 -13.81
C ILE B 80 33.46 0.90 -14.71
N SER B 81 33.04 1.28 -15.92
CA SER B 81 33.93 2.04 -16.79
C SER B 81 34.41 3.31 -16.10
N TYR B 82 33.49 3.99 -15.42
CA TYR B 82 33.83 5.23 -14.75
C TYR B 82 34.89 5.01 -13.68
N TYR B 83 34.73 3.97 -12.86
CA TYR B 83 35.65 3.73 -11.77
C TYR B 83 36.90 2.95 -12.19
N GLU B 84 36.96 2.50 -13.45
CA GLU B 84 38.24 2.13 -14.05
C GLU B 84 39.06 3.36 -14.47
N LYS B 85 38.41 4.52 -14.64
CA LYS B 85 39.08 5.77 -15.01
C LYS B 85 39.18 6.80 -13.89
N HIS B 86 38.34 6.70 -12.85
CA HIS B 86 38.37 7.59 -11.70
C HIS B 86 38.37 6.75 -10.43
N PRO B 87 39.02 7.22 -9.38
CA PRO B 87 39.14 6.37 -8.17
C PRO B 87 37.81 6.13 -7.50
N LEU B 88 37.65 4.90 -7.02
CA LEU B 88 36.48 4.52 -6.25
C LEU B 88 36.73 4.67 -4.76
N TYR B 89 37.88 4.18 -4.31
CA TYR B 89 38.22 4.08 -2.89
C TYR B 89 39.54 4.80 -2.74
N ARG B 90 39.52 5.92 -2.01
CA ARG B 90 40.69 6.78 -1.90
C ARG B 90 41.25 7.03 -3.29
N LYS B 91 42.47 6.59 -3.57
CA LYS B 91 43.06 6.77 -4.90
C LYS B 91 43.00 5.51 -5.76
N MET B 92 42.35 4.45 -5.28
CA MET B 92 42.32 3.18 -5.99
C MET B 92 41.23 3.21 -7.07
N LYS B 93 41.64 2.93 -8.31
CA LYS B 93 40.73 2.70 -9.42
C LYS B 93 40.53 1.20 -9.61
N LEU B 94 39.40 0.84 -10.19
CA LEU B 94 39.19 -0.57 -10.52
C LEU B 94 40.13 -0.95 -11.64
N ARG B 95 40.94 -1.95 -11.41
CA ARG B 95 42.06 -2.18 -12.33
C ARG B 95 42.17 -3.60 -12.85
N TYR B 96 41.98 -4.60 -12.00
CA TYR B 96 42.20 -6.01 -12.37
C TYR B 96 40.91 -6.79 -12.21
N PRO B 97 40.09 -6.89 -13.24
CA PRO B 97 38.86 -7.67 -13.13
C PRO B 97 39.20 -9.13 -12.95
N ILE B 98 38.43 -9.79 -12.09
CA ILE B 98 38.64 -11.20 -11.78
C ILE B 98 37.51 -12.00 -12.43
N ASN B 99 37.88 -12.87 -13.37
CA ASN B 99 36.91 -13.62 -14.17
C ASN B 99 36.78 -15.07 -13.72
N GLU B 100 37.88 -15.62 -13.21
CA GLU B 100 37.97 -16.96 -12.66
C GLU B 100 37.09 -17.14 -11.43
N MET C 4 -2.58 7.46 -8.53
CA MET C 4 -3.84 7.20 -7.82
C MET C 4 -4.63 8.47 -7.60
N HIS C 5 -3.94 9.61 -7.54
CA HIS C 5 -4.60 10.90 -7.43
C HIS C 5 -5.09 11.44 -8.76
N GLU C 6 -4.99 10.65 -9.83
CA GLU C 6 -5.35 11.10 -11.18
C GLU C 6 -6.84 11.32 -11.34
N SER C 7 -7.64 10.96 -10.35
CA SER C 7 -9.08 11.21 -10.42
C SER C 7 -9.40 12.70 -10.51
N LYS C 8 -8.48 13.58 -10.10
CA LYS C 8 -8.76 15.01 -10.14
C LYS C 8 -9.20 15.49 -11.52
N GLU C 9 -8.87 14.74 -12.58
CA GLU C 9 -9.15 15.21 -13.93
C GLU C 9 -10.60 14.95 -14.35
N TRP C 10 -11.25 13.94 -13.77
CA TRP C 10 -12.53 13.49 -14.29
C TRP C 10 -13.53 13.05 -13.23
N TYR C 11 -13.15 13.01 -11.96
CA TYR C 11 -14.05 12.49 -10.94
C TYR C 11 -14.85 13.60 -10.30
N HIS C 12 -16.15 13.35 -10.11
CA HIS C 12 -17.08 14.31 -9.53
C HIS C 12 -17.83 13.62 -8.41
N ALA C 13 -17.53 14.00 -7.16
CA ALA C 13 -18.18 13.37 -6.02
C ALA C 13 -19.62 13.84 -5.83
N SER C 14 -19.99 14.99 -6.38
CA SER C 14 -21.33 15.54 -6.25
C SER C 14 -21.80 16.00 -7.62
N LEU C 15 -22.58 15.16 -8.30
CA LEU C 15 -23.03 15.47 -9.66
C LEU C 15 -24.12 14.51 -10.10
N THR C 16 -25.24 15.03 -10.58
CA THR C 16 -26.37 14.22 -11.01
C THR C 16 -26.25 13.87 -12.50
N ARG C 17 -27.00 12.86 -12.90
CA ARG C 17 -27.06 12.46 -14.30
C ARG C 17 -27.35 13.67 -15.19
N ALA C 18 -28.34 14.49 -14.80
CA ALA C 18 -28.70 15.62 -15.64
C ALA C 18 -27.58 16.66 -15.68
N GLN C 19 -26.99 16.96 -14.53
CA GLN C 19 -25.86 17.87 -14.51
C GLN C 19 -24.75 17.33 -15.41
N ALA C 20 -24.55 16.01 -15.41
CA ALA C 20 -23.49 15.43 -16.23
C ALA C 20 -23.77 15.59 -17.71
N GLU C 21 -25.03 15.37 -18.13
CA GLU C 21 -25.37 15.58 -19.52
C GLU C 21 -25.21 17.03 -19.93
N HIS C 22 -25.44 17.96 -19.00
CA HIS C 22 -25.24 19.38 -19.28
C HIS C 22 -23.77 19.68 -19.54
N MET C 23 -22.88 19.24 -18.64
CA MET C 23 -21.45 19.47 -18.86
C MET C 23 -20.99 18.87 -20.16
N LEU C 24 -21.44 17.65 -20.47
CA LEU C 24 -21.02 16.98 -21.70
C LEU C 24 -21.53 17.69 -22.93
N MET C 25 -22.70 18.35 -22.85
CA MET C 25 -23.21 19.10 -24.00
C MET C 25 -22.26 20.23 -24.39
N ARG C 26 -21.55 20.82 -23.43
CA ARG C 26 -20.65 21.93 -23.70
C ARG C 26 -19.28 21.50 -24.22
N VAL C 27 -19.04 20.19 -24.33
CA VAL C 27 -17.77 19.67 -24.82
C VAL C 27 -18.07 18.80 -26.05
N PRO C 28 -18.05 19.39 -27.33
CA PRO C 28 -18.46 18.65 -28.52
C PRO C 28 -17.34 17.77 -29.09
N ARG C 29 -17.01 16.71 -28.36
CA ARG C 29 -16.00 15.76 -28.80
C ARG C 29 -16.41 14.37 -28.31
N ASP C 30 -16.47 13.41 -29.24
CA ASP C 30 -16.56 12.02 -28.85
C ASP C 30 -15.33 11.67 -28.02
N GLY C 31 -15.55 10.88 -26.97
CA GLY C 31 -14.51 10.56 -26.02
C GLY C 31 -14.47 11.49 -24.84
N ALA C 32 -15.31 12.52 -24.82
CA ALA C 32 -15.49 13.34 -23.64
C ALA C 32 -16.20 12.53 -22.58
N PHE C 33 -15.74 12.66 -21.33
CA PHE C 33 -16.29 11.83 -20.27
C PHE C 33 -16.07 12.49 -18.91
N LEU C 34 -16.78 11.96 -17.93
CA LEU C 34 -16.55 12.23 -16.52
C LEU C 34 -17.01 11.00 -15.75
N VAL C 35 -16.59 10.94 -14.49
CA VAL C 35 -17.08 9.92 -13.58
C VAL C 35 -17.75 10.62 -12.41
N ARG C 36 -18.90 10.10 -12.00
CA ARG C 36 -19.68 10.69 -10.93
C ARG C 36 -20.06 9.60 -9.93
N LYS C 37 -19.99 9.93 -8.65
CA LYS C 37 -20.53 9.06 -7.62
C LYS C 37 -22.05 9.02 -7.74
N ARG C 38 -22.62 7.83 -7.61
CA ARG C 38 -24.07 7.67 -7.67
C ARG C 38 -24.68 7.67 -6.26
N ASN C 39 -25.99 7.91 -6.23
CA ASN C 39 -26.71 7.88 -4.96
C ASN C 39 -26.55 6.52 -4.27
N GLU C 40 -26.78 5.44 -5.01
CA GLU C 40 -26.57 4.11 -4.45
C GLU C 40 -25.15 4.02 -3.89
N PRO C 41 -24.96 3.42 -2.72
CA PRO C 41 -23.61 3.26 -2.18
C PRO C 41 -22.77 2.30 -3.01
N ASN C 42 -21.45 2.50 -2.92
CA ASN C 42 -20.50 1.66 -3.64
C ASN C 42 -20.84 1.60 -5.13
N SER C 43 -21.17 2.75 -5.72
CA SER C 43 -21.60 2.79 -7.11
C SER C 43 -21.15 4.09 -7.77
N TYR C 44 -20.79 4.00 -9.05
CA TYR C 44 -20.39 5.16 -9.83
C TYR C 44 -21.01 5.06 -11.21
N ALA C 45 -20.97 6.17 -11.95
CA ALA C 45 -21.34 6.18 -13.36
C ALA C 45 -20.24 6.86 -14.16
N ILE C 46 -19.93 6.29 -15.32
CA ILE C 46 -19.17 6.98 -16.36
C ILE C 46 -20.18 7.58 -17.34
N SER C 47 -20.15 8.90 -17.49
CA SER C 47 -20.96 9.59 -18.48
C SER C 47 -20.03 10.08 -19.59
N PHE C 48 -20.34 9.69 -20.83
CA PHE C 48 -19.44 9.97 -21.94
C PHE C 48 -20.24 10.25 -23.21
N ARG C 49 -19.54 10.84 -24.19
CA ARG C 49 -20.08 11.11 -25.52
C ARG C 49 -19.48 10.11 -26.50
N ALA C 50 -20.36 9.43 -27.24
CA ALA C 50 -19.91 8.53 -28.30
C ALA C 50 -20.81 8.72 -29.50
N GLU C 51 -20.19 8.87 -30.68
CA GLU C 51 -20.92 9.09 -31.93
C GLU C 51 -22.05 10.11 -31.74
N GLY C 52 -21.74 11.21 -31.06
CA GLY C 52 -22.65 12.33 -30.92
C GLY C 52 -23.64 12.24 -29.77
N LYS C 53 -23.77 11.08 -29.13
CA LYS C 53 -24.78 10.85 -28.11
C LYS C 53 -24.16 10.68 -26.73
N ILE C 54 -24.93 11.01 -25.70
CA ILE C 54 -24.52 10.83 -24.31
C ILE C 54 -24.92 9.43 -23.86
N LYS C 55 -23.98 8.74 -23.20
CA LYS C 55 -24.22 7.42 -22.64
C LYS C 55 -23.71 7.39 -21.20
N HIS C 56 -24.29 6.50 -20.40
CA HIS C 56 -23.93 6.34 -18.99
C HIS C 56 -23.73 4.86 -18.71
N CYS C 57 -22.65 4.53 -17.98
CA CYS C 57 -22.30 3.16 -17.64
C CYS C 57 -22.14 3.04 -16.13
N ARG C 58 -22.72 2.00 -15.53
CA ARG C 58 -22.62 1.79 -14.09
C ARG C 58 -21.35 1.05 -13.74
N VAL C 59 -20.70 1.49 -12.65
CA VAL C 59 -19.51 0.85 -12.13
C VAL C 59 -19.74 0.57 -10.65
N GLN C 60 -19.44 -0.65 -10.23
CA GLN C 60 -19.74 -1.12 -8.88
C GLN C 60 -18.46 -1.36 -8.09
N GLN C 61 -18.40 -0.80 -6.88
CA GLN C 61 -17.28 -1.02 -5.98
C GLN C 61 -17.51 -2.31 -5.18
N GLU C 62 -16.49 -3.17 -5.15
CA GLU C 62 -16.55 -4.44 -4.43
C GLU C 62 -15.42 -4.49 -3.40
N GLY C 63 -15.19 -5.67 -2.83
CA GLY C 63 -14.26 -5.77 -1.71
C GLY C 63 -12.82 -5.65 -2.13
N GLN C 64 -12.49 -6.17 -3.31
CA GLN C 64 -11.13 -6.17 -3.82
C GLN C 64 -11.01 -5.54 -5.21
N THR C 65 -12.12 -5.25 -5.88
CA THR C 65 -12.09 -4.78 -7.26
C THR C 65 -13.24 -3.80 -7.48
N VAL C 66 -13.18 -3.09 -8.62
CA VAL C 66 -14.32 -2.37 -9.17
C VAL C 66 -14.73 -3.11 -10.44
N MET C 67 -16.03 -3.07 -10.75
CA MET C 67 -16.56 -3.86 -11.85
C MET C 67 -17.35 -3.02 -12.83
N LEU C 68 -17.11 -3.27 -14.12
CA LEU C 68 -17.87 -2.69 -15.22
C LEU C 68 -18.33 -3.85 -16.09
N GLY C 69 -19.62 -4.14 -16.04
CA GLY C 69 -20.07 -5.38 -16.65
C GLY C 69 -19.31 -6.55 -16.06
N ASN C 70 -18.60 -7.29 -16.91
CA ASN C 70 -17.79 -8.43 -16.47
C ASN C 70 -16.31 -8.10 -16.37
N SER C 71 -15.92 -6.85 -16.58
CA SER C 71 -14.54 -6.44 -16.45
C SER C 71 -14.26 -6.00 -15.02
N GLU C 72 -13.10 -6.41 -14.50
CA GLU C 72 -12.68 -6.14 -13.13
C GLU C 72 -11.35 -5.39 -13.13
N PHE C 73 -11.26 -4.38 -12.25
CA PHE C 73 -10.04 -3.62 -12.04
C PHE C 73 -9.81 -3.43 -10.54
N ASP C 74 -8.54 -3.23 -10.18
CA ASP C 74 -8.20 -2.98 -8.78
C ASP C 74 -8.87 -1.72 -8.26
N SER C 75 -9.15 -0.75 -9.14
CA SER C 75 -9.54 0.57 -8.69
C SER C 75 -10.21 1.33 -9.83
N LEU C 76 -10.92 2.38 -9.46
CA LEU C 76 -11.54 3.25 -10.45
C LEU C 76 -10.48 3.92 -11.32
N VAL C 77 -9.36 4.32 -10.73
CA VAL C 77 -8.30 4.95 -11.50
C VAL C 77 -7.74 3.97 -12.53
N ASP C 78 -7.55 2.70 -12.13
CA ASP C 78 -7.09 1.67 -13.06
C ASP C 78 -8.12 1.44 -14.15
N LEU C 79 -9.40 1.50 -13.79
CA LEU C 79 -10.44 1.30 -14.79
C LEU C 79 -10.36 2.39 -15.85
N ILE C 80 -10.32 3.64 -15.43
CA ILE C 80 -10.30 4.73 -16.39
C ILE C 80 -9.03 4.70 -17.21
N SER C 81 -7.90 4.43 -16.56
CA SER C 81 -6.63 4.37 -17.28
C SER C 81 -6.67 3.32 -18.39
N TYR C 82 -7.31 2.20 -18.12
CA TYR C 82 -7.40 1.14 -19.11
C TYR C 82 -8.21 1.59 -20.33
N TYR C 83 -9.33 2.26 -20.11
CA TYR C 83 -10.17 2.72 -21.23
C TYR C 83 -9.71 4.04 -21.84
N GLU C 84 -8.65 4.66 -21.30
CA GLU C 84 -7.89 5.66 -22.05
C GLU C 84 -7.08 5.01 -23.17
N LYS C 85 -6.76 3.72 -23.02
CA LYS C 85 -5.88 3.00 -23.93
C LYS C 85 -6.60 1.99 -24.81
N HIS C 86 -7.76 1.52 -24.39
CA HIS C 86 -8.54 0.53 -25.11
C HIS C 86 -9.98 0.99 -25.19
N PRO C 87 -10.69 0.64 -26.27
CA PRO C 87 -12.03 1.19 -26.47
C PRO C 87 -13.00 0.72 -25.40
N LEU C 88 -13.79 1.67 -24.90
CA LEU C 88 -14.88 1.38 -23.98
C LEU C 88 -16.17 1.11 -24.72
N TYR C 89 -16.42 1.86 -25.78
CA TYR C 89 -17.69 1.84 -26.51
C TYR C 89 -17.36 1.91 -27.98
N ARG C 90 -17.57 0.81 -28.70
CA ARG C 90 -17.18 0.70 -30.10
C ARG C 90 -15.69 0.98 -30.25
N LYS C 91 -15.33 2.15 -30.77
CA LYS C 91 -13.94 2.52 -30.98
C LYS C 91 -13.53 3.73 -30.14
N MET C 92 -14.39 4.17 -29.24
CA MET C 92 -14.16 5.39 -28.47
C MET C 92 -13.37 5.09 -27.21
N LYS C 93 -12.27 5.81 -27.02
CA LYS C 93 -11.53 5.82 -25.77
C LYS C 93 -11.86 7.07 -24.96
N LEU C 94 -11.63 6.96 -23.65
CA LEU C 94 -11.90 8.05 -22.72
C LEU C 94 -10.76 9.06 -22.80
N ARG C 95 -10.85 10.00 -23.76
CA ARG C 95 -9.73 10.88 -24.06
C ARG C 95 -9.86 12.31 -23.55
N TYR C 96 -11.07 12.82 -23.29
CA TYR C 96 -11.26 14.24 -23.00
C TYR C 96 -12.00 14.37 -21.68
N PRO C 97 -11.27 14.30 -20.56
CA PRO C 97 -11.94 14.39 -19.26
C PRO C 97 -12.51 15.77 -19.01
N ILE C 98 -13.56 15.80 -18.19
CA ILE C 98 -14.19 17.03 -17.70
C ILE C 98 -14.05 17.07 -16.19
N ASN C 99 -13.37 18.10 -15.67
CA ASN C 99 -13.09 18.18 -14.25
C ASN C 99 -14.09 19.08 -13.54
N GLU C 100 -14.02 19.10 -12.21
CA GLU C 100 -14.94 19.87 -11.38
C GLU C 100 -14.76 21.36 -11.62
N GLU C 101 -15.79 22.01 -12.13
CA GLU C 101 -15.75 23.45 -12.37
C GLU C 101 -16.03 24.20 -11.07
N HIS D 3 -13.54 -0.01 -0.61
CA HIS D 3 -13.76 -1.46 -0.59
C HIS D 3 -14.13 -1.93 0.81
N MET D 4 -14.79 -1.04 1.57
CA MET D 4 -15.23 -1.34 2.93
C MET D 4 -16.72 -1.67 2.91
N HIS D 5 -17.07 -2.83 3.47
CA HIS D 5 -18.46 -3.25 3.60
C HIS D 5 -18.53 -4.40 4.60
N GLU D 6 -17.65 -4.34 5.61
CA GLU D 6 -17.41 -5.43 6.54
C GLU D 6 -18.40 -5.44 7.71
N SER D 7 -19.51 -4.70 7.60
CA SER D 7 -20.42 -4.62 8.73
C SER D 7 -20.92 -5.99 9.16
N LYS D 8 -20.82 -6.99 8.28
CA LYS D 8 -21.26 -8.34 8.65
C LYS D 8 -20.48 -8.88 9.85
N GLU D 9 -19.27 -8.38 10.09
CA GLU D 9 -18.43 -8.91 11.17
C GLU D 9 -18.83 -8.39 12.54
N TRP D 10 -19.53 -7.24 12.62
CA TRP D 10 -19.72 -6.60 13.92
C TRP D 10 -21.06 -5.93 14.15
N TYR D 11 -21.95 -5.88 13.15
CA TYR D 11 -23.21 -5.15 13.28
C TYR D 11 -24.33 -6.07 13.73
N HIS D 12 -25.09 -5.63 14.72
CA HIS D 12 -26.22 -6.37 15.29
C HIS D 12 -27.43 -5.46 15.17
N ALA D 13 -28.37 -5.82 14.28
CA ALA D 13 -29.57 -5.02 14.17
C ALA D 13 -30.51 -5.22 15.35
N SER D 14 -30.38 -6.33 16.08
CA SER D 14 -31.30 -6.66 17.18
C SER D 14 -30.49 -7.18 18.37
N LEU D 15 -30.15 -6.30 19.28
CA LEU D 15 -29.35 -6.67 20.44
C LEU D 15 -29.45 -5.55 21.46
N THR D 16 -29.77 -5.90 22.71
CA THR D 16 -29.90 -4.91 23.77
C THR D 16 -28.55 -4.62 24.42
N ARG D 17 -28.53 -3.57 25.23
CA ARG D 17 -27.33 -3.23 26.00
C ARG D 17 -26.90 -4.40 26.86
N ALA D 18 -27.84 -4.99 27.59
CA ALA D 18 -27.51 -6.09 28.50
C ALA D 18 -27.01 -7.29 27.72
N GLN D 19 -27.67 -7.60 26.60
CA GLN D 19 -27.20 -8.70 25.76
C GLN D 19 -25.81 -8.40 25.22
N ALA D 20 -25.56 -7.15 24.83
CA ALA D 20 -24.24 -6.79 24.33
C ALA D 20 -23.18 -7.04 25.39
N GLU D 21 -23.47 -6.67 26.64
CA GLU D 21 -22.49 -6.87 27.70
C GLU D 21 -22.29 -8.35 27.98
N HIS D 22 -23.34 -9.15 27.84
CA HIS D 22 -23.19 -10.59 27.98
C HIS D 22 -22.29 -11.16 26.89
N MET D 23 -22.50 -10.75 25.64
CA MET D 23 -21.67 -11.23 24.55
C MET D 23 -20.21 -10.86 24.78
N LEU D 24 -19.96 -9.63 25.26
CA LEU D 24 -18.58 -9.21 25.52
C LEU D 24 -17.99 -9.90 26.73
N MET D 25 -18.82 -10.43 27.63
CA MET D 25 -18.32 -11.18 28.77
C MET D 25 -17.95 -12.62 28.40
N ARG D 26 -18.40 -13.13 27.25
CA ARG D 26 -18.07 -14.50 26.89
C ARG D 26 -16.59 -14.66 26.60
N VAL D 27 -16.04 -13.84 25.70
CA VAL D 27 -14.62 -13.89 25.37
C VAL D 27 -14.02 -12.55 25.79
N PRO D 28 -13.73 -12.34 27.07
CA PRO D 28 -13.28 -11.02 27.53
C PRO D 28 -11.88 -10.71 27.05
N ARG D 29 -11.77 -9.68 26.21
CA ARG D 29 -10.47 -9.21 25.73
C ARG D 29 -10.58 -7.75 25.30
N ASP D 30 -9.60 -6.95 25.69
CA ASP D 30 -9.60 -5.54 25.31
C ASP D 30 -9.47 -5.44 23.79
N GLY D 31 -10.24 -4.49 23.21
CA GLY D 31 -10.36 -4.39 21.77
C GLY D 31 -11.53 -5.14 21.17
N ALA D 32 -12.23 -5.97 21.96
CA ALA D 32 -13.44 -6.61 21.50
C ALA D 32 -14.57 -5.58 21.42
N PHE D 33 -15.43 -5.74 20.43
CA PHE D 33 -16.46 -4.72 20.24
C PHE D 33 -17.55 -5.28 19.36
N LEU D 34 -18.68 -4.58 19.38
CA LEU D 34 -19.76 -4.79 18.44
C LEU D 34 -20.47 -3.45 18.27
N VAL D 35 -21.32 -3.38 17.25
CA VAL D 35 -22.15 -2.21 17.02
C VAL D 35 -23.59 -2.70 16.99
N ARG D 36 -24.46 -2.04 17.74
CA ARG D 36 -25.86 -2.43 17.82
C ARG D 36 -26.76 -1.24 17.48
N LYS D 37 -27.82 -1.53 16.72
CA LYS D 37 -28.91 -0.58 16.56
C LYS D 37 -29.54 -0.29 17.93
N ARG D 38 -29.79 0.98 18.21
CA ARG D 38 -30.35 1.38 19.49
C ARG D 38 -31.88 1.46 19.41
N ASN D 39 -32.51 1.58 20.57
CA ASN D 39 -33.96 1.79 20.63
C ASN D 39 -34.32 3.20 20.19
N GLU D 40 -33.38 4.15 20.26
CA GLU D 40 -33.54 5.48 19.71
C GLU D 40 -33.22 5.45 18.21
N PRO D 41 -34.15 5.82 17.33
CA PRO D 41 -33.86 5.74 15.88
C PRO D 41 -32.69 6.62 15.47
N ASN D 42 -32.17 6.32 14.27
CA ASN D 42 -31.02 7.05 13.73
C ASN D 42 -29.87 7.09 14.73
N SER D 43 -29.69 5.98 15.45
CA SER D 43 -28.66 5.90 16.48
C SER D 43 -28.15 4.48 16.56
N TYR D 44 -26.86 4.35 16.84
CA TYR D 44 -26.25 3.07 17.14
C TYR D 44 -25.43 3.21 18.42
N ALA D 45 -25.00 2.07 18.97
CA ALA D 45 -24.06 2.04 20.07
C ALA D 45 -22.88 1.17 19.68
N ILE D 46 -21.67 1.66 19.91
CA ILE D 46 -20.48 0.82 19.90
C ILE D 46 -20.26 0.34 21.32
N SER D 47 -20.34 -0.96 21.52
CA SER D 47 -20.11 -1.57 22.82
C SER D 47 -18.77 -2.29 22.75
N PHE D 48 -17.86 -1.94 23.65
CA PHE D 48 -16.50 -2.41 23.51
C PHE D 48 -15.88 -2.61 24.89
N ARG D 49 -14.81 -3.39 24.91
CA ARG D 49 -14.05 -3.64 26.13
C ARG D 49 -12.70 -2.94 26.05
N ALA D 50 -12.38 -2.16 27.07
CA ALA D 50 -11.14 -1.41 27.13
C ALA D 50 -10.64 -1.41 28.55
N GLU D 51 -9.42 -1.91 28.76
CA GLU D 51 -8.78 -1.91 30.06
C GLU D 51 -9.66 -2.58 31.12
N GLY D 52 -10.18 -3.75 30.75
CA GLY D 52 -10.95 -4.58 31.65
C GLY D 52 -12.41 -4.20 31.83
N LYS D 53 -12.87 -3.11 31.21
CA LYS D 53 -14.22 -2.60 31.40
C LYS D 53 -15.01 -2.64 30.10
N ILE D 54 -16.31 -2.88 30.21
CA ILE D 54 -17.20 -2.73 29.06
C ILE D 54 -17.70 -1.28 29.06
N LYS D 55 -17.55 -0.63 27.91
CA LYS D 55 -18.04 0.74 27.71
C LYS D 55 -18.94 0.76 26.49
N HIS D 56 -19.71 1.84 26.39
CA HIS D 56 -20.63 2.05 25.29
C HIS D 56 -20.54 3.50 24.87
N CYS D 57 -20.70 3.75 23.58
CA CYS D 57 -20.77 5.13 23.11
C CYS D 57 -21.76 5.22 21.95
N ARG D 58 -22.38 6.37 21.85
CA ARG D 58 -23.46 6.62 20.91
C ARG D 58 -22.91 7.14 19.60
N VAL D 59 -23.46 6.61 18.51
CA VAL D 59 -23.18 7.06 17.15
C VAL D 59 -24.50 7.55 16.56
N GLN D 60 -24.51 8.79 16.08
CA GLN D 60 -25.69 9.40 15.47
C GLN D 60 -25.63 9.33 13.95
N GLN D 61 -26.77 8.99 13.34
CA GLN D 61 -26.93 8.85 11.91
C GLN D 61 -27.79 10.00 11.38
N GLU D 62 -27.31 10.66 10.33
CA GLU D 62 -28.06 11.74 9.68
C GLU D 62 -27.91 11.56 8.17
N GLY D 63 -28.81 10.77 7.58
CA GLY D 63 -28.81 10.57 6.14
C GLY D 63 -27.47 10.13 5.58
N GLN D 64 -27.18 8.84 5.67
CA GLN D 64 -25.92 8.30 5.16
C GLN D 64 -24.76 8.61 6.10
N THR D 65 -24.63 9.87 6.51
CA THR D 65 -23.55 10.30 7.38
C THR D 65 -23.77 9.84 8.81
N VAL D 66 -22.66 9.61 9.53
CA VAL D 66 -22.72 9.25 10.95
C VAL D 66 -21.77 10.17 11.72
N MET D 67 -22.04 10.31 13.00
CA MET D 67 -21.32 11.24 13.85
C MET D 67 -21.00 10.58 15.18
N LEU D 68 -19.74 10.65 15.59
CA LEU D 68 -19.30 10.23 16.91
C LEU D 68 -18.71 11.46 17.58
N GLY D 69 -19.35 11.93 18.65
CA GLY D 69 -18.99 13.22 19.21
C GLY D 69 -18.90 14.28 18.13
N ASN D 70 -17.76 14.95 18.03
CA ASN D 70 -17.55 15.99 17.02
C ASN D 70 -16.94 15.45 15.72
N SER D 71 -16.82 14.13 15.57
CA SER D 71 -16.18 13.52 14.41
C SER D 71 -17.25 12.97 13.45
N GLU D 72 -17.11 13.31 12.17
CA GLU D 72 -18.09 12.94 11.17
C GLU D 72 -17.48 11.98 10.17
N PHE D 73 -18.27 11.01 9.73
CA PHE D 73 -17.78 9.99 8.82
C PHE D 73 -18.83 9.74 7.76
N ASP D 74 -18.36 9.30 6.58
CA ASP D 74 -19.26 9.08 5.46
C ASP D 74 -20.27 7.98 5.72
N SER D 75 -19.97 7.07 6.64
CA SER D 75 -20.85 5.93 6.88
C SER D 75 -20.42 5.23 8.16
N LEU D 76 -21.26 4.28 8.60
CA LEU D 76 -20.93 3.53 9.80
C LEU D 76 -19.66 2.70 9.57
N VAL D 77 -19.53 2.07 8.40
CA VAL D 77 -18.37 1.20 8.15
C VAL D 77 -17.10 2.03 8.06
N ASP D 78 -17.19 3.25 7.51
CA ASP D 78 -15.99 4.09 7.48
C ASP D 78 -15.61 4.53 8.88
N LEU D 79 -16.60 4.76 9.74
CA LEU D 79 -16.28 5.09 11.13
C LEU D 79 -15.55 3.95 11.81
N ILE D 80 -16.08 2.71 11.67
CA ILE D 80 -15.46 1.58 12.36
C ILE D 80 -14.06 1.32 11.80
N SER D 81 -13.89 1.40 10.48
CA SER D 81 -12.57 1.21 9.88
C SER D 81 -11.56 2.20 10.43
N TYR D 82 -11.97 3.47 10.60
CA TYR D 82 -11.08 4.47 11.18
C TYR D 82 -10.57 4.04 12.56
N TYR D 83 -11.46 3.55 13.42
CA TYR D 83 -11.07 3.21 14.78
C TYR D 83 -10.50 1.81 14.88
N GLU D 84 -10.40 1.08 13.78
CA GLU D 84 -9.47 -0.05 13.71
C GLU D 84 -8.02 0.42 13.59
N LYS D 85 -7.81 1.64 13.11
CA LYS D 85 -6.50 2.17 12.81
C LYS D 85 -6.06 3.25 13.78
N HIS D 86 -7.00 3.88 14.46
CA HIS D 86 -6.69 4.95 15.39
C HIS D 86 -7.43 4.69 16.68
N PRO D 87 -6.84 5.06 17.81
CA PRO D 87 -7.47 4.74 19.10
C PRO D 87 -8.83 5.40 19.21
N LEU D 88 -9.81 4.62 19.67
CA LEU D 88 -11.12 5.15 20.05
C LEU D 88 -11.12 5.65 21.50
N TYR D 89 -10.52 4.86 22.38
CA TYR D 89 -10.60 5.07 23.82
C TYR D 89 -9.21 4.78 24.37
N ARG D 90 -8.56 5.81 24.90
CA ARG D 90 -7.20 5.69 25.42
C ARG D 90 -6.28 5.20 24.30
N LYS D 91 -5.75 3.99 24.41
CA LYS D 91 -4.92 3.40 23.36
C LYS D 91 -5.64 2.27 22.62
N MET D 92 -6.94 2.11 22.87
CA MET D 92 -7.67 0.94 22.41
C MET D 92 -8.19 1.15 20.99
N LYS D 93 -7.90 0.19 20.12
CA LYS D 93 -8.45 0.10 18.78
C LYS D 93 -9.50 -1.00 18.73
N LEU D 94 -10.41 -0.87 17.77
CA LEU D 94 -11.48 -1.85 17.56
C LEU D 94 -10.94 -3.03 16.77
N ARG D 95 -10.34 -4.00 17.46
CA ARG D 95 -9.65 -5.10 16.78
C ARG D 95 -10.40 -6.43 16.74
N TYR D 96 -11.29 -6.72 17.69
CA TYR D 96 -11.85 -8.08 17.79
C TYR D 96 -13.36 -8.03 17.69
N PRO D 97 -13.91 -8.04 16.47
CA PRO D 97 -15.36 -7.86 16.32
C PRO D 97 -16.14 -9.09 16.74
N ILE D 98 -17.34 -8.84 17.25
CA ILE D 98 -18.26 -9.89 17.69
C ILE D 98 -19.44 -9.93 16.74
N ASN D 99 -19.57 -11.01 15.97
CA ASN D 99 -20.57 -11.09 14.94
C ASN D 99 -21.91 -11.58 15.50
N GLU D 100 -22.96 -11.46 14.68
CA GLU D 100 -24.31 -11.81 15.11
C GLU D 100 -24.44 -13.33 15.25
N GLU D 101 -24.78 -13.77 16.45
CA GLU D 101 -24.99 -15.19 16.74
C GLU D 101 -23.72 -16.00 16.57
N LEU E 3 9.32 -18.90 1.49
CA LEU E 3 9.87 -17.57 1.21
C LEU E 3 10.26 -16.83 2.47
N TYR E 4 11.52 -16.43 2.55
CA TYR E 4 12.00 -15.58 3.63
C TYR E 4 11.26 -14.26 3.52
N PTR E 5 11.21 -13.72 2.30
CA PTR E 5 10.37 -12.57 2.03
C PTR E 5 9.30 -12.96 1.03
O PTR E 5 9.61 -13.53 -0.02
CB PTR E 5 11.14 -11.35 1.49
CG PTR E 5 11.99 -10.65 2.54
CD1 PTR E 5 13.32 -11.01 2.72
CD2 PTR E 5 11.47 -9.66 3.35
CE1 PTR E 5 14.10 -10.39 3.68
CE2 PTR E 5 12.25 -9.03 4.31
CZ PTR E 5 13.57 -9.41 4.46
OH PTR E 5 14.34 -8.81 5.31
P PTR E 5 14.29 -8.87 6.90
O1P PTR E 5 15.44 -9.75 7.40
O2P PTR E 5 14.46 -7.49 7.38
O3P PTR E 5 12.95 -9.44 7.36
HA PTR E 5 9.92 -12.29 2.85
HB2 PTR E 5 10.50 -10.71 1.16
HB3 PTR E 5 11.72 -11.64 0.79
HD1 PTR E 5 13.68 -11.68 2.20
HD2 PTR E 5 10.58 -9.39 3.25
HE1 PTR E 5 14.99 -10.63 3.78
HE2 PTR E 5 11.89 -8.35 4.84
N TRP E 6 8.05 -12.71 1.37
CA TRP E 6 6.95 -12.92 0.46
C TRP E 6 7.02 -11.93 -0.69
N ASP E 7 6.78 -12.41 -1.91
CA ASP E 7 6.79 -11.58 -3.13
C ASP E 7 5.41 -11.45 -3.76
N GLN E 8 5.01 -10.24 -4.11
CA GLN E 8 3.75 -10.03 -4.82
N ASN F 2 26.74 0.05 7.60
CA ASN F 2 26.75 -0.99 8.62
C ASN F 2 28.16 -1.57 8.76
N LEU F 3 28.24 -2.79 9.29
CA LEU F 3 29.55 -3.38 9.56
C LEU F 3 30.20 -3.94 8.32
N TYR F 4 29.39 -4.39 7.36
CA TYR F 4 29.88 -5.33 6.37
C TYR F 4 30.11 -4.72 4.99
N PTR F 5 29.64 -3.50 4.76
CA PTR F 5 29.85 -2.85 3.47
C PTR F 5 30.48 -1.48 3.66
O PTR F 5 30.19 -0.78 4.62
CB PTR F 5 28.54 -2.69 2.74
CG PTR F 5 27.91 -3.99 2.29
CD1 PTR F 5 27.06 -4.68 3.12
CD2 PTR F 5 28.18 -4.53 1.03
CE1 PTR F 5 26.48 -5.87 2.71
CE2 PTR F 5 27.60 -5.73 0.63
CZ PTR F 5 26.77 -6.40 1.48
OH PTR F 5 26.16 -7.50 1.14
P PTR F 5 26.78 -8.97 0.95
O1P PTR F 5 28.32 -8.95 0.87
O2P PTR F 5 26.31 -9.79 2.16
O3P PTR F 5 26.18 -9.50 -0.29
HA PTR F 5 30.44 -3.40 2.92
HB2 PTR F 5 28.68 -2.14 1.96
HB3 PTR F 5 27.90 -2.25 3.33
HD1 PTR F 5 26.86 -4.33 3.95
HD2 PTR F 5 28.76 -4.09 0.46
HE1 PTR F 5 25.89 -6.31 3.28
HE2 PTR F 5 27.79 -6.08 -0.22
N TRP F 6 31.34 -1.12 2.72
CA TRP F 6 31.95 0.19 2.68
C TRP F 6 31.04 1.22 2.01
N ASP F 7 30.91 2.40 2.62
CA ASP F 7 30.15 3.49 2.00
C ASP F 7 31.07 4.51 1.33
N GLN F 8 30.74 4.86 0.08
CA GLN F 8 31.47 5.90 -0.64
N ASP G 1 -17.69 10.60 36.86
CA ASP G 1 -17.41 9.64 35.80
C ASP G 1 -18.32 8.41 35.93
N ASN G 2 -17.89 7.29 35.34
CA ASN G 2 -18.64 6.03 35.39
C ASN G 2 -20.01 6.18 34.73
N LEU G 3 -20.06 6.91 33.63
CA LEU G 3 -21.31 7.20 32.94
C LEU G 3 -21.81 5.99 32.17
N TYR G 4 -23.10 6.00 31.85
CA TYR G 4 -23.74 4.95 31.04
C TYR G 4 -23.18 4.95 29.62
N PTR G 5 -22.99 6.13 29.07
CA PTR G 5 -22.35 6.24 27.76
C PTR G 5 -21.15 7.15 27.90
O PTR G 5 -21.22 8.20 28.52
CB PTR G 5 -23.28 6.81 26.70
CG PTR G 5 -24.44 5.95 26.28
CD1 PTR G 5 -25.73 6.20 26.75
CD2 PTR G 5 -24.27 4.90 25.38
CE1 PTR G 5 -26.79 5.42 26.35
CE2 PTR G 5 -25.35 4.11 24.97
CZ PTR G 5 -26.61 4.38 25.47
OH PTR G 5 -27.62 3.69 25.09
P PTR G 5 -27.99 2.18 25.51
O1P PTR G 5 -26.76 1.45 26.07
O2P PTR G 5 -29.10 2.23 26.57
O3P PTR G 5 -28.51 1.58 24.27
HA PTR G 5 -22.05 5.35 27.47
HB2 PTR G 5 -22.75 6.99 25.90
HB3 PTR G 5 -23.64 7.64 27.03
HD1 PTR G 5 -25.87 6.90 27.34
HD2 PTR G 5 -23.42 4.71 25.05
HE1 PTR G 5 -27.65 5.61 26.68
HE2 PTR G 5 -25.22 3.42 24.38
N TRP G 6 -20.04 6.73 27.30
CA TRP G 6 -18.83 7.55 27.24
C TRP G 6 -18.95 8.46 26.03
N ASP G 7 -18.62 9.74 26.21
CA ASP G 7 -18.76 10.72 25.13
C ASP G 7 -17.40 11.13 24.56
N ASP H 1 -32.95 -2.03 -26.16
CA ASP H 1 -31.91 -1.06 -26.50
C ASP H 1 -32.21 0.32 -25.95
N ASN H 2 -31.29 1.25 -26.17
CA ASN H 2 -31.41 2.62 -25.67
C ASN H 2 -31.78 2.62 -24.20
N LEU H 3 -31.15 1.72 -23.44
CA LEU H 3 -31.46 1.58 -22.03
C LEU H 3 -31.10 2.86 -21.27
N TYR H 4 -31.44 2.86 -19.98
CA TYR H 4 -31.11 3.97 -19.09
C TYR H 4 -29.59 4.05 -18.93
N PTR H 5 -29.00 2.87 -18.74
CA PTR H 5 -27.56 2.72 -18.73
C PTR H 5 -27.12 1.80 -19.87
O PTR H 5 -27.86 0.89 -20.26
CB PTR H 5 -27.12 2.11 -17.41
CG PTR H 5 -27.26 3.02 -16.21
CD1 PTR H 5 -28.26 2.80 -15.25
CD2 PTR H 5 -26.39 4.09 -16.00
CE1 PTR H 5 -28.39 3.61 -14.14
CE2 PTR H 5 -26.51 4.90 -14.89
CZ PTR H 5 -27.52 4.67 -13.97
OH PTR H 5 -27.64 5.42 -12.90
P PTR H 5 -27.90 7.01 -12.94
O1P PTR H 5 -27.07 7.66 -11.90
O2P PTR H 5 -29.39 7.26 -12.63
O3P PTR H 5 -27.60 7.61 -14.31
HA PTR H 5 -27.12 3.59 -18.83
HB2 PTR H 5 -26.18 1.86 -17.48
HB3 PTR H 5 -27.65 1.31 -17.24
HD1 PTR H 5 -28.85 2.08 -15.37
HD2 PTR H 5 -25.71 4.24 -16.62
HE1 PTR H 5 -29.05 3.45 -13.53
HE2 PTR H 5 -25.92 5.62 -14.77
N TRP H 6 -25.93 2.04 -20.42
CA TRP H 6 -25.36 1.17 -21.43
C TRP H 6 -24.76 -0.06 -20.74
N ASP H 7 -25.24 -1.24 -21.10
CA ASP H 7 -25.01 -2.44 -20.28
C ASP H 7 -24.21 -3.52 -20.98
N GLN H 8 -24.18 -4.70 -20.34
CA GLN H 8 -23.50 -5.88 -20.88
#